data_3FQW
#
_entry.id   3FQW
#
_cell.length_a   59.982
_cell.length_b   79.378
_cell.length_c   111.292
_cell.angle_alpha   90.000
_cell.angle_beta   90.000
_cell.angle_gamma   90.000
#
_symmetry.space_group_name_H-M   'P 21 21 21'
#
loop_
_entity.id
_entity.type
_entity.pdbx_description
1 polymer 'HLA class I histocompatibility antigen, A-2 alpha chain'
2 polymer Beta-2-microglobulin
3 polymer 'peptide 1097-1105 from insulin receptor substrate 2 (IRS2): RVASPTSGV'
4 non-polymer 'CADMIUM ION'
5 non-polymer 'COBALT (II) ION'
6 water water
#
loop_
_entity_poly.entity_id
_entity_poly.type
_entity_poly.pdbx_seq_one_letter_code
_entity_poly.pdbx_strand_id
1 'polypeptide(L)'
;GSHSMRYFFTSVSRPGRGEPRFIAVGYVDDTQFVRFDSDAASQRMEPRAPWIEQEGPEYWDGETRKVKAHSQTHRVDLGT
LRGYYNQSEAGSHTVQRMYGCDVGSDWRFLRGYHQYAYDGKDYIALKEDLRSWTAADMAAQTTKHKWEAAHVAEQLRAYL
EGTCVEWLRRYLENGKETLQRTDAPKTHMTHHAVSDHEATLRCWALSFYPAEITLTWQRDGEDQTQDTELVETRPAGDGT
FQKWAAVVVPSGQEQRYTCHVQHEGLPKPLTLRWE
;
A
2 'polypeptide(L)'
;QRTPKIQVYSRHPAENGKSNFLNCYVSGFHPSDIEVDLLKNGERIEKVEHSDLSFSKDWSFYLLYYTEFTPTEKDEYACR
VNHVTLSQPKIVKWDRDM
;
B
3 'polypeptide(L)' RVASPTSGV C
#
# COMPACT_ATOMS: atom_id res chain seq x y z
N GLY A 1 8.23 -15.37 -10.69
CA GLY A 1 7.08 -15.42 -11.57
C GLY A 1 6.97 -14.13 -12.37
N SER A 2 5.78 -13.53 -12.35
CA SER A 2 5.59 -12.23 -12.97
C SER A 2 6.09 -11.12 -12.05
N HIS A 3 6.34 -9.95 -12.62
CA HIS A 3 6.87 -8.82 -11.85
C HIS A 3 6.30 -7.51 -12.35
N SER A 4 6.37 -6.48 -11.50
CA SER A 4 5.89 -5.17 -11.87
C SER A 4 6.77 -4.07 -11.28
N MET A 5 6.73 -2.89 -11.92
CA MET A 5 7.27 -1.70 -11.31
C MET A 5 6.17 -0.66 -11.31
N ARG A 6 5.96 0.01 -10.18
CA ARG A 6 4.91 1.01 -10.08
C ARG A 6 5.38 2.26 -9.36
N TYR A 7 4.94 3.42 -9.82
CA TYR A 7 5.17 4.69 -9.14
C TYR A 7 3.85 5.31 -8.74
N PHE A 8 3.79 5.87 -7.53
CA PHE A 8 2.58 6.44 -6.96
C PHE A 8 2.88 7.88 -6.58
N PHE A 9 2.04 8.82 -7.02
CA PHE A 9 2.26 10.23 -6.73
C PHE A 9 1.01 10.83 -6.12
N THR A 10 1.18 11.54 -5.00
CA THR A 10 0.07 12.24 -4.35
C THR A 10 0.45 13.70 -4.13
N SER A 11 -0.40 14.63 -4.59
CA SER A 11 -0.25 16.05 -4.26
C SER A 11 -1.50 16.56 -3.54
N VAL A 12 -1.31 17.28 -2.43
CA VAL A 12 -2.44 17.79 -1.66
C VAL A 12 -2.31 19.30 -1.46
N SER A 13 -3.26 20.07 -1.97
CA SER A 13 -3.18 21.52 -1.87
C SER A 13 -3.35 22.01 -0.43
N ARG A 14 -2.67 23.11 -0.11
CA ARG A 14 -2.70 23.68 1.23
C ARG A 14 -3.10 25.15 1.13
N PRO A 15 -4.41 25.40 1.03
CA PRO A 15 -4.94 26.75 0.76
C PRO A 15 -4.47 27.83 1.75
N GLY A 16 -4.18 27.46 2.98
CA GLY A 16 -3.82 28.45 3.99
C GLY A 16 -2.49 29.14 3.76
N ARG A 17 -1.51 28.40 3.27
CA ARG A 17 -0.18 28.94 3.03
C ARG A 17 0.68 27.92 2.30
N GLY A 18 1.40 28.38 1.28
CA GLY A 18 2.40 27.55 0.63
C GLY A 18 1.93 26.65 -0.48
N GLU A 19 2.82 25.73 -0.86
CA GLU A 19 2.59 24.85 -1.99
C GLU A 19 2.02 23.52 -1.53
N PRO A 20 1.54 22.69 -2.48
CA PRO A 20 0.98 21.39 -2.10
C PRO A 20 2.03 20.48 -1.45
N ARG A 21 1.57 19.62 -0.54
CA ARG A 21 2.38 18.51 -0.07
C ARG A 21 2.48 17.54 -1.23
N PHE A 22 3.68 17.05 -1.51
CA PHE A 22 3.89 16.14 -2.62
C PHE A 22 4.71 14.95 -2.15
N ILE A 23 4.18 13.74 -2.36
CA ILE A 23 4.86 12.50 -1.96
C ILE A 23 4.83 11.52 -3.11
N ALA A 24 6.00 11.00 -3.47
CA ALA A 24 6.12 9.99 -4.52
C ALA A 24 6.83 8.77 -3.95
N VAL A 25 6.35 7.60 -4.34
CA VAL A 25 7.00 6.35 -3.93
C VAL A 25 7.11 5.44 -5.15
N GLY A 26 8.18 4.67 -5.22
CA GLY A 26 8.33 3.68 -6.28
C GLY A 26 8.43 2.29 -5.67
N TYR A 27 7.82 1.32 -6.36
CA TYR A 27 7.83 -0.07 -5.91
C TYR A 27 8.30 -0.97 -7.04
N VAL A 28 9.02 -2.04 -6.68
CA VAL A 28 9.17 -3.20 -7.54
C VAL A 28 8.45 -4.32 -6.81
N ASP A 29 7.46 -4.91 -7.47
CA ASP A 29 6.55 -5.86 -6.82
C ASP A 29 6.02 -5.25 -5.51
N ASP A 30 6.17 -5.95 -4.39
CA ASP A 30 5.68 -5.39 -3.12
C ASP A 30 6.78 -4.76 -2.29
N THR A 31 7.86 -4.34 -2.95
CA THR A 31 9.01 -3.73 -2.28
C THR A 31 9.18 -2.26 -2.66
N GLN A 32 9.00 -1.35 -1.69
CA GLN A 32 9.27 0.05 -1.95
C GLN A 32 10.76 0.21 -2.13
N PHE A 33 11.20 1.00 -3.11
CA PHE A 33 12.64 1.18 -3.32
C PHE A 33 13.11 2.64 -3.38
N VAL A 34 12.19 3.57 -3.62
CA VAL A 34 12.54 4.99 -3.60
C VAL A 34 11.39 5.82 -3.06
N ARG A 35 11.70 7.05 -2.66
CA ARG A 35 10.68 8.00 -2.23
C ARG A 35 11.13 9.43 -2.42
N PHE A 36 10.16 10.33 -2.54
CA PHE A 36 10.41 11.76 -2.47
C PHE A 36 9.30 12.33 -1.62
N ASP A 37 9.66 13.14 -0.64
CA ASP A 37 8.67 13.81 0.18
C ASP A 37 9.02 15.29 0.22
N SER A 38 8.09 16.14 -0.23
CA SER A 38 8.32 17.58 -0.27
C SER A 38 8.58 18.14 1.11
N ASP A 39 8.10 17.47 2.15
CA ASP A 39 8.31 17.95 3.53
C ASP A 39 9.69 17.57 4.09
N ALA A 40 10.39 16.66 3.42
CA ALA A 40 11.67 16.17 3.90
C ALA A 40 12.81 17.14 3.58
N ALA A 41 13.94 16.97 4.25
CA ALA A 41 15.03 17.93 4.12
C ALA A 41 15.84 17.81 2.84
N SER A 42 15.99 16.60 2.32
CA SER A 42 16.91 16.39 1.21
C SER A 42 16.47 17.08 -0.08
N GLN A 43 15.15 17.08 -0.33
CA GLN A 43 14.60 17.56 -1.59
C GLN A 43 15.19 16.76 -2.73
N ARG A 44 15.42 15.48 -2.49
CA ARG A 44 15.95 14.58 -3.49
C ARG A 44 15.14 13.28 -3.51
N MET A 45 15.12 12.59 -4.65
CA MET A 45 14.69 11.20 -4.62
C MET A 45 15.66 10.43 -3.73
N GLU A 46 15.14 9.59 -2.83
CA GLU A 46 15.96 8.88 -1.85
C GLU A 46 15.79 7.36 -1.97
N PRO A 47 16.85 6.61 -1.68
CA PRO A 47 16.76 5.14 -1.70
C PRO A 47 15.98 4.60 -0.50
N ARG A 48 15.24 3.52 -0.71
CA ARG A 48 14.55 2.84 0.38
C ARG A 48 14.80 1.32 0.34
N ALA A 49 15.73 0.90 -0.50
CA ALA A 49 16.14 -0.51 -0.52
C ALA A 49 17.61 -0.57 -0.85
N PRO A 50 18.32 -1.56 -0.28
CA PRO A 50 19.77 -1.65 -0.47
C PRO A 50 20.19 -1.74 -1.93
N TRP A 51 19.44 -2.48 -2.74
CA TRP A 51 19.87 -2.76 -4.11
C TRP A 51 19.82 -1.56 -5.06
N ILE A 52 19.13 -0.49 -4.65
CA ILE A 52 19.08 0.72 -5.47
C ILE A 52 20.23 1.68 -5.12
N GLU A 53 20.81 1.54 -3.93
CA GLU A 53 21.81 2.52 -3.45
C GLU A 53 23.04 2.59 -4.35
N GLN A 54 23.34 1.49 -5.02
CA GLN A 54 24.47 1.41 -5.92
C GLN A 54 24.32 2.28 -7.17
N GLU A 55 23.11 2.76 -7.47
CA GLU A 55 22.95 3.64 -8.62
C GLU A 55 23.79 4.90 -8.40
N GLY A 56 24.38 5.41 -9.48
CA GLY A 56 25.32 6.52 -9.41
C GLY A 56 24.66 7.90 -9.41
N PRO A 57 25.48 8.96 -9.35
CA PRO A 57 25.00 10.34 -9.22
C PRO A 57 24.08 10.75 -10.36
N GLU A 58 24.37 10.28 -11.57
CA GLU A 58 23.53 10.63 -12.72
CA GLU A 58 23.54 10.62 -12.73
C GLU A 58 22.11 10.11 -12.52
N TYR A 59 22.00 8.90 -11.97
CA TYR A 59 20.68 8.35 -11.67
C TYR A 59 19.94 9.24 -10.68
N TRP A 60 20.55 9.50 -9.54
CA TRP A 60 19.86 10.25 -8.49
C TRP A 60 19.52 11.67 -8.90
N ASP A 61 20.42 12.33 -9.62
CA ASP A 61 20.16 13.67 -10.11
CA ASP A 61 20.16 13.67 -10.11
C ASP A 61 18.96 13.66 -11.07
N GLY A 62 18.99 12.73 -12.01
CA GLY A 62 17.93 12.59 -12.99
C GLY A 62 16.58 12.29 -12.35
N GLU A 63 16.56 11.37 -11.39
CA GLU A 63 15.30 10.99 -10.74
C GLU A 63 14.75 12.16 -9.93
N THR A 64 15.65 12.89 -9.29
CA THR A 64 15.24 14.03 -8.49
C THR A 64 14.63 15.12 -9.39
N ARG A 65 15.33 15.43 -10.48
CA ARG A 65 14.85 16.44 -11.40
C ARG A 65 13.47 16.08 -11.93
N LYS A 66 13.30 14.82 -12.34
CA LYS A 66 12.03 14.40 -12.92
C LYS A 66 10.89 14.40 -11.92
N VAL A 67 11.14 13.94 -10.69
CA VAL A 67 10.08 13.89 -9.69
CA VAL A 67 10.06 13.90 -9.71
C VAL A 67 9.69 15.31 -9.24
N LYS A 68 10.68 16.19 -9.18
CA LYS A 68 10.38 17.60 -8.86
C LYS A 68 9.50 18.20 -9.94
N ALA A 69 9.80 17.86 -11.20
CA ALA A 69 8.97 18.33 -12.32
C ALA A 69 7.54 17.80 -12.22
N HIS A 70 7.38 16.53 -11.81
CA HIS A 70 6.05 15.97 -11.53
C HIS A 70 5.32 16.78 -10.49
N SER A 71 6.04 17.18 -9.45
CA SER A 71 5.44 17.95 -8.37
CA SER A 71 5.46 17.96 -8.38
C SER A 71 4.88 19.27 -8.90
N GLN A 72 5.62 19.94 -9.77
CA GLN A 72 5.17 21.21 -10.33
C GLN A 72 4.01 21.00 -11.29
N THR A 73 4.06 19.93 -12.07
CA THR A 73 2.94 19.60 -12.95
C THR A 73 1.64 19.45 -12.14
N HIS A 74 1.70 18.69 -11.04
CA HIS A 74 0.54 18.52 -10.17
C HIS A 74 0.09 19.81 -9.54
N ARG A 75 1.03 20.66 -9.14
CA ARG A 75 0.66 21.97 -8.58
C ARG A 75 -0.21 22.76 -9.58
N VAL A 76 0.25 22.83 -10.82
CA VAL A 76 -0.53 23.52 -11.84
C VAL A 76 -1.87 22.83 -12.06
N ASP A 77 -1.85 21.50 -12.11
CA ASP A 77 -3.07 20.73 -12.30
C ASP A 77 -4.13 21.05 -11.26
N LEU A 78 -3.71 21.13 -9.99
CA LEU A 78 -4.65 21.45 -8.93
C LEU A 78 -5.36 22.78 -9.21
N GLY A 79 -4.62 23.75 -9.75
CA GLY A 79 -5.20 25.02 -10.14
C GLY A 79 -6.19 24.84 -11.29
N THR A 80 -5.75 24.11 -12.31
CA THR A 80 -6.59 23.86 -13.49
C THR A 80 -7.88 23.15 -13.10
N LEU A 81 -7.76 22.10 -12.27
CA LEU A 81 -8.91 21.33 -11.83
C LEU A 81 -9.89 22.14 -11.00
N ARG A 82 -9.35 23.00 -10.15
CA ARG A 82 -10.18 23.88 -9.36
C ARG A 82 -11.07 24.73 -10.28
N GLY A 83 -10.50 25.16 -11.39
CA GLY A 83 -11.24 25.96 -12.36
C GLY A 83 -12.24 25.12 -13.14
N TYR A 84 -11.81 23.94 -13.58
CA TYR A 84 -12.71 23.05 -14.31
C TYR A 84 -13.96 22.81 -13.49
N TYR A 85 -13.78 22.57 -12.19
CA TYR A 85 -14.90 22.20 -11.34
C TYR A 85 -15.53 23.40 -10.64
N ASN A 86 -15.03 24.59 -10.97
CA ASN A 86 -15.59 25.83 -10.43
C ASN A 86 -15.52 25.88 -8.89
N GLN A 87 -14.41 25.41 -8.32
CA GLN A 87 -14.29 25.32 -6.87
C GLN A 87 -13.58 26.51 -6.25
N SER A 88 -13.85 26.70 -4.96
CA SER A 88 -13.25 27.76 -4.18
C SER A 88 -11.75 27.59 -4.01
N GLU A 89 -11.02 28.68 -3.78
CA GLU A 89 -9.61 28.58 -3.45
C GLU A 89 -9.42 28.16 -2.01
N ALA A 90 -10.50 28.10 -1.25
CA ALA A 90 -10.41 27.88 0.18
C ALA A 90 -10.21 26.42 0.59
N GLY A 91 -10.67 25.48 -0.23
CA GLY A 91 -10.62 24.07 0.15
C GLY A 91 -9.37 23.33 -0.31
N SER A 92 -9.03 22.27 0.43
CA SER A 92 -7.90 21.42 0.05
C SER A 92 -8.38 20.35 -0.92
N HIS A 93 -7.57 20.07 -1.93
CA HIS A 93 -7.93 19.03 -2.91
C HIS A 93 -6.74 18.15 -3.20
N THR A 94 -6.98 17.01 -3.82
CA THR A 94 -5.95 16.01 -4.03
C THR A 94 -5.85 15.57 -5.47
N VAL A 95 -4.63 15.48 -5.97
CA VAL A 95 -4.38 14.81 -7.23
C VAL A 95 -3.53 13.58 -6.96
N GLN A 96 -3.90 12.45 -7.57
CA GLN A 96 -3.11 11.21 -7.48
C GLN A 96 -2.80 10.68 -8.86
N ARG A 97 -1.61 10.10 -9.01
CA ARG A 97 -1.23 9.53 -10.30
C ARG A 97 -0.48 8.25 -10.01
N MET A 98 -0.75 7.23 -10.80
CA MET A 98 -0.05 5.96 -10.66
C MET A 98 0.26 5.44 -12.05
N TYR A 99 1.47 4.96 -12.25
CA TYR A 99 1.81 4.32 -13.50
C TYR A 99 2.84 3.22 -13.32
N GLY A 100 2.93 2.33 -14.30
CA GLY A 100 3.86 1.23 -14.20
C GLY A 100 3.66 0.17 -15.26
N CYS A 101 4.46 -0.87 -15.15
CA CYS A 101 4.48 -1.92 -16.17
C CYS A 101 4.58 -3.25 -15.49
N ASP A 102 3.98 -4.27 -16.11
CA ASP A 102 4.08 -5.65 -15.65
C ASP A 102 4.89 -6.44 -16.68
N VAL A 103 5.74 -7.35 -16.21
CA VAL A 103 6.39 -8.32 -17.11
C VAL A 103 6.10 -9.75 -16.68
N GLY A 104 6.14 -10.67 -17.64
CA GLY A 104 5.84 -12.07 -17.36
C GLY A 104 7.04 -12.79 -16.77
N SER A 105 6.92 -14.12 -16.64
CA SER A 105 8.00 -14.95 -16.12
C SER A 105 9.27 -14.83 -16.96
N ASP A 106 9.09 -14.55 -18.24
CA ASP A 106 10.21 -14.38 -19.18
C ASP A 106 10.70 -12.94 -19.22
N TRP A 107 10.19 -12.12 -18.29
CA TRP A 107 10.57 -10.71 -18.21
C TRP A 107 10.24 -9.87 -19.44
N ARG A 108 9.36 -10.39 -20.30
CA ARG A 108 8.87 -9.60 -21.43
C ARG A 108 7.64 -8.77 -21.02
N PHE A 109 7.45 -7.64 -21.67
CA PHE A 109 6.32 -6.75 -21.42
C PHE A 109 4.99 -7.49 -21.42
N LEU A 110 4.18 -7.28 -20.39
CA LEU A 110 2.87 -7.88 -20.31
C LEU A 110 1.79 -6.81 -20.49
N ARG A 111 1.90 -5.74 -19.73
CA ARG A 111 0.91 -4.66 -19.78
C ARG A 111 1.44 -3.38 -19.12
N GLY A 112 0.85 -2.24 -19.48
CA GLY A 112 1.26 -0.97 -18.89
C GLY A 112 0.04 -0.22 -18.41
N TYR A 113 0.23 0.76 -17.54
CA TYR A 113 -0.88 1.53 -17.06
C TYR A 113 -0.46 2.92 -16.63
N HIS A 114 -1.41 3.85 -16.67
CA HIS A 114 -1.17 5.22 -16.22
C HIS A 114 -2.51 5.83 -15.94
N GLN A 115 -2.80 6.05 -14.67
CA GLN A 115 -4.07 6.63 -14.31
C GLN A 115 -3.96 7.77 -13.31
N TYR A 116 -4.97 8.62 -13.35
CA TYR A 116 -4.94 9.92 -12.70
C TYR A 116 -6.28 10.11 -12.03
N ALA A 117 -6.26 10.65 -10.81
CA ALA A 117 -7.49 10.87 -10.05
C ALA A 117 -7.50 12.25 -9.44
N TYR A 118 -8.69 12.83 -9.36
CA TYR A 118 -8.89 14.09 -8.65
C TYR A 118 -9.84 13.85 -7.47
N ASP A 119 -9.41 14.28 -6.29
CA ASP A 119 -10.19 14.09 -5.06
C ASP A 119 -10.70 12.67 -4.86
N GLY A 120 -9.85 11.69 -5.14
CA GLY A 120 -10.13 10.30 -4.84
C GLY A 120 -11.02 9.57 -5.81
N LYS A 121 -11.34 10.19 -6.94
CA LYS A 121 -12.18 9.56 -7.97
C LYS A 121 -11.43 9.50 -9.30
N ASP A 122 -11.74 8.47 -10.10
CA ASP A 122 -11.16 8.38 -11.45
C ASP A 122 -11.33 9.69 -12.16
N TYR A 123 -10.28 10.16 -12.79
CA TYR A 123 -10.36 11.35 -13.64
C TYR A 123 -10.05 10.93 -15.08
N ILE A 124 -8.80 10.58 -15.37
CA ILE A 124 -8.46 10.09 -16.70
C ILE A 124 -7.46 8.93 -16.61
N ALA A 125 -7.62 7.94 -17.49
CA ALA A 125 -6.71 6.80 -17.49
C ALA A 125 -6.40 6.33 -18.91
N LEU A 126 -5.16 5.90 -19.11
CA LEU A 126 -4.74 5.28 -20.36
C LEU A 126 -5.34 3.89 -20.43
N LYS A 127 -5.96 3.55 -21.56
CA LYS A 127 -6.52 2.23 -21.72
C LYS A 127 -5.38 1.23 -21.97
N GLU A 128 -5.70 -0.05 -21.86
CA GLU A 128 -4.70 -1.11 -21.96
C GLU A 128 -4.00 -1.13 -23.33
N ASP A 129 -4.64 -0.58 -24.36
CA ASP A 129 -4.01 -0.49 -25.67
C ASP A 129 -2.85 0.51 -25.69
N LEU A 130 -2.74 1.28 -24.61
CA LEU A 130 -1.73 2.33 -24.47
C LEU A 130 -1.84 3.37 -25.59
N ARG A 131 -3.05 3.52 -26.13
CA ARG A 131 -3.29 4.48 -27.20
C ARG A 131 -4.48 5.39 -26.86
N SER A 132 -5.43 4.85 -26.11
CA SER A 132 -6.72 5.50 -25.89
C SER A 132 -6.90 5.96 -24.45
N TRP A 133 -7.86 6.85 -24.24
CA TRP A 133 -8.09 7.42 -22.91
C TRP A 133 -9.51 7.21 -22.41
N THR A 134 -9.63 6.84 -21.14
CA THR A 134 -10.90 6.79 -20.44
C THR A 134 -11.02 8.05 -19.59
N ALA A 135 -11.90 8.94 -20.02
CA ALA A 135 -12.21 10.16 -19.28
C ALA A 135 -13.56 10.00 -18.57
N ALA A 136 -13.57 10.20 -17.26
CA ALA A 136 -14.73 9.84 -16.44
C ALA A 136 -15.87 10.86 -16.50
N ASP A 137 -15.53 12.12 -16.76
CA ASP A 137 -16.54 13.16 -16.84
C ASP A 137 -16.09 14.21 -17.85
N MET A 138 -16.82 15.31 -17.91
CA MET A 138 -16.60 16.31 -18.96
C MET A 138 -15.34 17.15 -18.75
N ALA A 139 -14.95 17.38 -17.50
CA ALA A 139 -13.65 18.00 -17.25
C ALA A 139 -12.55 17.10 -17.81
N ALA A 140 -12.60 15.82 -17.46
CA ALA A 140 -11.62 14.86 -17.96
C ALA A 140 -11.66 14.77 -19.50
N GLN A 141 -12.85 14.95 -20.08
CA GLN A 141 -12.95 14.96 -21.54
C GLN A 141 -12.14 16.12 -22.11
N THR A 142 -12.21 17.28 -21.45
CA THR A 142 -11.41 18.43 -21.84
C THR A 142 -9.91 18.10 -21.80
N THR A 143 -9.49 17.48 -20.71
CA THR A 143 -8.12 17.00 -20.59
C THR A 143 -7.79 16.00 -21.70
N LYS A 144 -8.72 15.12 -22.03
CA LYS A 144 -8.42 14.09 -23.02
C LYS A 144 -8.13 14.71 -24.40
N HIS A 145 -8.91 15.72 -24.79
CA HIS A 145 -8.63 16.41 -26.05
C HIS A 145 -7.25 17.09 -26.03
N LYS A 146 -6.90 17.66 -24.88
CA LYS A 146 -5.59 18.29 -24.69
C LYS A 146 -4.47 17.25 -24.85
N TRP A 147 -4.67 16.08 -24.26
CA TRP A 147 -3.63 15.06 -24.25
C TRP A 147 -3.52 14.37 -25.61
N GLU A 148 -4.63 14.30 -26.33
CA GLU A 148 -4.59 13.82 -27.71
C GLU A 148 -3.73 14.77 -28.55
N ALA A 149 -4.05 16.06 -28.49
CA ALA A 149 -3.28 17.06 -29.25
C ALA A 149 -1.79 17.06 -28.90
N ALA A 150 -1.44 16.69 -27.67
CA ALA A 150 -0.05 16.72 -27.22
C ALA A 150 0.67 15.37 -27.32
N HIS A 151 0.09 14.41 -28.02
CA HIS A 151 0.72 13.11 -28.22
C HIS A 151 1.12 12.46 -26.90
N VAL A 152 0.34 12.69 -25.86
CA VAL A 152 0.70 12.19 -24.53
C VAL A 152 0.75 10.65 -24.45
N ALA A 153 -0.23 9.97 -25.04
CA ALA A 153 -0.23 8.51 -25.02
C ALA A 153 0.99 7.90 -25.72
N GLU A 154 1.44 8.52 -26.80
CA GLU A 154 2.61 8.00 -27.52
C GLU A 154 3.83 7.96 -26.59
N GLN A 155 4.02 9.05 -25.86
CA GLN A 155 5.15 9.14 -24.95
C GLN A 155 5.03 8.16 -23.80
N LEU A 156 3.83 8.00 -23.26
CA LEU A 156 3.64 7.04 -22.17
C LEU A 156 3.88 5.60 -22.66
N ARG A 157 3.31 5.28 -23.82
CA ARG A 157 3.52 3.96 -24.40
C ARG A 157 5.01 3.65 -24.59
N ALA A 158 5.77 4.62 -25.09
CA ALA A 158 7.20 4.40 -25.30
C ALA A 158 7.88 4.10 -23.96
N TYR A 159 7.52 4.86 -22.94
CA TYR A 159 8.09 4.65 -21.60
C TYR A 159 7.72 3.28 -21.02
N LEU A 160 6.43 2.94 -21.09
CA LEU A 160 5.94 1.74 -20.45
C LEU A 160 6.48 0.47 -21.10
N GLU A 161 6.67 0.51 -22.42
CA GLU A 161 7.15 -0.67 -23.13
C GLU A 161 8.67 -0.70 -23.22
N GLY A 162 9.30 0.44 -22.98
CA GLY A 162 10.74 0.53 -23.07
C GLY A 162 11.38 0.74 -21.71
N THR A 163 11.64 2.00 -21.37
CA THR A 163 12.35 2.34 -20.14
C THR A 163 11.79 1.62 -18.91
N CYS A 164 10.47 1.55 -18.78
CA CYS A 164 9.87 0.94 -17.62
C CYS A 164 10.32 -0.52 -17.50
N VAL A 165 10.20 -1.28 -18.57
CA VAL A 165 10.52 -2.70 -18.49
C VAL A 165 12.02 -2.91 -18.42
N GLU A 166 12.78 -2.05 -19.08
CA GLU A 166 14.23 -2.21 -19.09
C GLU A 166 14.82 -2.01 -17.70
N TRP A 167 14.36 -0.98 -17.02
CA TRP A 167 14.88 -0.71 -15.68
C TRP A 167 14.30 -1.67 -14.62
N LEU A 168 13.06 -2.09 -14.81
CA LEU A 168 12.52 -3.15 -13.97
C LEU A 168 13.44 -4.38 -14.01
N ARG A 169 13.82 -4.79 -15.22
CA ARG A 169 14.71 -5.96 -15.38
C ARG A 169 16.05 -5.72 -14.69
N ARG A 170 16.59 -4.52 -14.86
CA ARG A 170 17.81 -4.13 -14.18
C ARG A 170 17.67 -4.27 -12.67
N TYR A 171 16.58 -3.75 -12.12
CA TYR A 171 16.35 -3.82 -10.68
C TYR A 171 16.19 -5.27 -10.18
N LEU A 172 15.41 -6.06 -10.90
CA LEU A 172 15.23 -7.47 -10.55
C LEU A 172 16.56 -8.22 -10.51
N GLU A 173 17.49 -7.83 -11.38
CA GLU A 173 18.82 -8.41 -11.38
C GLU A 173 19.63 -7.92 -10.18
N ASN A 174 19.71 -6.61 -10.00
CA ASN A 174 20.55 -6.05 -8.94
C ASN A 174 20.05 -6.42 -7.55
N GLY A 175 18.72 -6.52 -7.40
CA GLY A 175 18.14 -6.91 -6.13
C GLY A 175 17.68 -8.36 -6.07
N LYS A 176 18.30 -9.23 -6.85
CA LYS A 176 17.77 -10.59 -6.99
C LYS A 176 17.70 -11.38 -5.68
N GLU A 177 18.63 -11.15 -4.78
CA GLU A 177 18.68 -11.91 -3.53
C GLU A 177 17.38 -11.77 -2.73
N THR A 178 16.69 -10.63 -2.87
CA THR A 178 15.40 -10.46 -2.23
C THR A 178 14.22 -10.37 -3.21
N LEU A 179 14.39 -9.62 -4.29
CA LEU A 179 13.28 -9.42 -5.21
C LEU A 179 12.83 -10.71 -5.89
N GLN A 180 13.75 -11.64 -6.11
CA GLN A 180 13.42 -12.90 -6.77
C GLN A 180 13.34 -14.06 -5.78
N ARG A 181 13.27 -13.75 -4.49
CA ARG A 181 13.12 -14.77 -3.46
C ARG A 181 11.70 -14.69 -2.95
N THR A 182 11.03 -15.83 -2.79
CA THR A 182 9.72 -15.83 -2.17
C THR A 182 9.90 -16.27 -0.73
N ASP A 183 9.17 -15.65 0.20
CA ASP A 183 9.17 -16.09 1.59
C ASP A 183 7.81 -16.72 1.86
N ALA A 184 7.78 -18.03 2.00
CA ALA A 184 6.55 -18.75 2.30
C ALA A 184 6.01 -18.33 3.66
N PRO A 185 4.67 -18.32 3.81
CA PRO A 185 4.05 -17.96 5.08
C PRO A 185 4.44 -18.95 6.16
N LYS A 186 4.86 -18.45 7.31
CA LYS A 186 4.98 -19.29 8.48
C LYS A 186 3.58 -19.37 9.05
N THR A 187 3.03 -20.59 9.13
CA THR A 187 1.63 -20.73 9.54
C THR A 187 1.45 -21.44 10.88
N HIS A 188 0.37 -21.11 11.58
CA HIS A 188 -0.03 -21.79 12.80
C HIS A 188 -1.49 -21.48 13.15
N MET A 189 -2.04 -22.25 14.06
CA MET A 189 -3.45 -22.05 14.41
C MET A 189 -3.55 -21.84 15.90
N THR A 190 -4.34 -20.84 16.30
CA THR A 190 -4.62 -20.63 17.73
C THR A 190 -6.09 -20.95 18.02
N HIS A 191 -6.42 -21.12 19.31
CA HIS A 191 -7.73 -21.59 19.76
C HIS A 191 -8.17 -20.67 20.88
N HIS A 192 -9.36 -20.08 20.76
CA HIS A 192 -9.85 -19.15 21.79
C HIS A 192 -11.28 -19.47 22.14
N ALA A 193 -11.50 -20.00 23.35
CA ALA A 193 -12.85 -20.29 23.80
C ALA A 193 -13.70 -19.02 23.81
N VAL A 194 -14.94 -19.14 23.34
CA VAL A 194 -15.88 -18.04 23.28
C VAL A 194 -17.00 -18.26 24.32
N SER A 195 -17.08 -19.51 24.79
CA SER A 195 -18.07 -19.92 25.77
C SER A 195 -17.64 -21.31 26.18
N ASP A 196 -18.42 -22.01 26.99
CA ASP A 196 -18.05 -23.37 27.39
C ASP A 196 -18.40 -24.45 26.35
N HIS A 197 -18.86 -24.03 25.17
CA HIS A 197 -19.16 -25.00 24.10
C HIS A 197 -18.91 -24.48 22.68
N GLU A 198 -18.25 -23.33 22.56
CA GLU A 198 -17.93 -22.75 21.27
C GLU A 198 -16.55 -22.11 21.34
N ALA A 199 -15.80 -22.15 20.26
CA ALA A 199 -14.44 -21.60 20.24
C ALA A 199 -14.08 -21.03 18.88
N THR A 200 -13.21 -20.02 18.87
CA THR A 200 -12.65 -19.49 17.64
C THR A 200 -11.35 -20.18 17.31
N LEU A 201 -11.22 -20.69 16.10
CA LEU A 201 -9.93 -21.11 15.56
C LEU A 201 -9.41 -19.99 14.66
N ARG A 202 -8.15 -19.61 14.83
CA ARG A 202 -7.57 -18.56 14.03
C ARG A 202 -6.34 -19.13 13.32
N CYS A 203 -6.37 -19.06 12.00
CA CYS A 203 -5.31 -19.58 11.16
C CYS A 203 -4.44 -18.40 10.76
N TRP A 204 -3.17 -18.47 11.11
CA TRP A 204 -2.25 -17.34 10.95
C TRP A 204 -1.26 -17.63 9.82
N ALA A 205 -1.02 -16.64 8.99
CA ALA A 205 0.07 -16.68 8.00
C ALA A 205 0.96 -15.47 8.26
N LEU A 206 2.25 -15.71 8.55
CA LEU A 206 3.15 -14.64 8.95
C LEU A 206 4.42 -14.59 8.12
N SER A 207 4.97 -13.39 8.02
CA SER A 207 6.30 -13.17 7.47
C SER A 207 6.42 -13.62 6.01
N PHE A 208 5.37 -13.41 5.21
CA PHE A 208 5.40 -13.90 3.83
C PHE A 208 5.66 -12.78 2.80
N TYR A 209 6.14 -13.18 1.63
CA TYR A 209 6.40 -12.24 0.54
C TYR A 209 6.41 -13.05 -0.74
N PRO A 210 5.69 -12.58 -1.79
CA PRO A 210 4.93 -11.32 -1.89
C PRO A 210 3.66 -11.33 -1.06
N ALA A 211 2.94 -10.21 -1.07
CA ALA A 211 1.72 -10.05 -0.27
C ALA A 211 0.56 -10.94 -0.71
N GLU A 212 0.50 -11.29 -1.99
CA GLU A 212 -0.58 -12.14 -2.51
C GLU A 212 -0.67 -13.47 -1.75
N ILE A 213 -1.85 -13.78 -1.23
CA ILE A 213 -2.07 -15.00 -0.46
C ILE A 213 -3.55 -15.33 -0.45
N THR A 214 -3.87 -16.61 -0.30
CA THR A 214 -5.25 -17.02 -0.13
C THR A 214 -5.40 -17.92 1.09
N LEU A 215 -6.27 -17.55 2.01
CA LEU A 215 -6.57 -18.34 3.21
C LEU A 215 -8.02 -18.74 3.14
N THR A 216 -8.29 -20.03 3.26
CA THR A 216 -9.67 -20.51 3.18
C THR A 216 -9.91 -21.54 4.27
N TRP A 217 -11.13 -21.57 4.79
CA TRP A 217 -11.55 -22.59 5.75
C TRP A 217 -12.42 -23.64 5.07
N GLN A 218 -12.22 -24.91 5.43
CA GLN A 218 -13.14 -25.96 5.02
C GLN A 218 -13.68 -26.68 6.26
N ARG A 219 -14.92 -27.14 6.18
CA ARG A 219 -15.45 -28.05 7.20
CA ARG A 219 -15.46 -28.02 7.20
C ARG A 219 -15.82 -29.34 6.52
N ASP A 220 -15.27 -30.44 7.02
CA ASP A 220 -15.48 -31.74 6.40
C ASP A 220 -15.22 -31.63 4.89
N GLY A 221 -14.15 -30.93 4.53
CA GLY A 221 -13.69 -30.88 3.15
C GLY A 221 -14.52 -30.05 2.18
N GLU A 222 -15.37 -29.17 2.70
CA GLU A 222 -16.08 -28.25 1.83
C GLU A 222 -15.90 -26.83 2.35
N ASP A 223 -15.65 -25.89 1.45
CA ASP A 223 -15.40 -24.51 1.83
C ASP A 223 -16.48 -23.97 2.74
N GLN A 224 -16.07 -23.27 3.79
CA GLN A 224 -17.02 -22.61 4.67
C GLN A 224 -16.72 -21.12 4.82
N THR A 225 -17.76 -20.31 4.65
CA THR A 225 -17.63 -18.86 4.78
C THR A 225 -18.47 -18.31 5.94
N GLN A 226 -19.56 -19.00 6.27
CA GLN A 226 -20.37 -18.66 7.45
C GLN A 226 -19.54 -18.68 8.73
N ASP A 227 -19.74 -17.68 9.58
CA ASP A 227 -19.06 -17.62 10.87
C ASP A 227 -17.53 -17.54 10.71
N THR A 228 -17.06 -16.99 9.59
CA THR A 228 -15.63 -16.77 9.42
C THR A 228 -15.33 -15.28 9.42
N GLU A 229 -14.08 -14.94 9.72
CA GLU A 229 -13.58 -13.57 9.58
C GLU A 229 -12.19 -13.61 8.95
N LEU A 230 -12.00 -12.78 7.92
CA LEU A 230 -10.73 -12.68 7.19
C LEU A 230 -10.24 -11.24 7.24
N VAL A 231 -9.11 -10.98 7.89
CA VAL A 231 -8.59 -9.62 7.94
C VAL A 231 -7.83 -9.28 6.68
N GLU A 232 -7.78 -8.00 6.35
CA GLU A 232 -6.98 -7.51 5.24
C GLU A 232 -5.48 -7.79 5.46
N THR A 233 -4.82 -8.16 4.38
CA THR A 233 -3.39 -8.44 4.43
C THR A 233 -2.69 -7.16 4.90
N ARG A 234 -1.74 -7.30 5.81
CA ARG A 234 -1.13 -6.14 6.45
C ARG A 234 0.38 -6.29 6.51
N PRO A 235 1.11 -5.15 6.42
CA PRO A 235 2.58 -5.15 6.48
C PRO A 235 3.10 -5.43 7.89
N ALA A 236 4.08 -6.30 8.00
CA ALA A 236 4.70 -6.57 9.29
C ALA A 236 5.62 -5.42 9.70
N GLY A 237 6.10 -4.66 8.72
CA GLY A 237 7.04 -3.58 8.99
C GLY A 237 8.49 -3.90 8.65
N ASP A 238 8.77 -5.16 8.30
CA ASP A 238 10.11 -5.60 7.95
C ASP A 238 10.19 -6.05 6.48
N GLY A 239 9.20 -5.65 5.69
CA GLY A 239 9.15 -6.00 4.28
C GLY A 239 8.27 -7.21 3.97
N THR A 240 7.86 -7.93 5.02
CA THR A 240 6.97 -9.09 4.87
C THR A 240 5.53 -8.71 5.25
N PHE A 241 4.61 -9.66 5.04
CA PHE A 241 3.19 -9.40 5.28
C PHE A 241 2.59 -10.45 6.20
N GLN A 242 1.39 -10.15 6.72
CA GLN A 242 0.68 -11.00 7.66
C GLN A 242 -0.79 -11.06 7.26
N LYS A 243 -1.45 -12.16 7.62
CA LYS A 243 -2.89 -12.29 7.42
C LYS A 243 -3.39 -13.41 8.33
N TRP A 244 -4.64 -13.28 8.76
CA TRP A 244 -5.28 -14.41 9.45
C TRP A 244 -6.73 -14.57 9.04
N ALA A 245 -7.25 -15.77 9.21
CA ALA A 245 -8.65 -16.07 8.93
C ALA A 245 -9.13 -16.87 10.13
N ALA A 246 -10.35 -16.61 10.58
CA ALA A 246 -10.84 -17.30 11.77
C ALA A 246 -12.24 -17.85 11.53
N VAL A 247 -12.62 -18.84 12.33
CA VAL A 247 -13.93 -19.46 12.22
C VAL A 247 -14.39 -19.83 13.64
N VAL A 248 -15.68 -19.69 13.91
CA VAL A 248 -16.24 -20.09 15.20
C VAL A 248 -16.83 -21.48 15.04
N VAL A 249 -16.49 -22.37 15.96
CA VAL A 249 -16.88 -23.78 15.85
C VAL A 249 -17.46 -24.28 17.17
N PRO A 250 -18.31 -25.33 17.12
CA PRO A 250 -18.74 -25.92 18.39
C PRO A 250 -17.55 -26.63 19.03
N SER A 251 -17.31 -26.40 20.32
CA SER A 251 -16.16 -27.03 20.99
C SER A 251 -16.23 -28.55 20.93
N GLY A 252 -15.11 -29.18 20.63
CA GLY A 252 -15.07 -30.63 20.47
C GLY A 252 -15.17 -31.06 19.02
N GLN A 253 -15.59 -30.14 18.15
CA GLN A 253 -15.69 -30.43 16.73
C GLN A 253 -14.54 -29.83 15.92
N GLU A 254 -13.49 -29.39 16.62
CA GLU A 254 -12.39 -28.67 15.97
C GLU A 254 -11.76 -29.44 14.82
N GLN A 255 -11.74 -30.76 14.89
CA GLN A 255 -11.04 -31.55 13.88
C GLN A 255 -11.73 -31.55 12.51
N ARG A 256 -12.98 -31.11 12.45
CA ARG A 256 -13.70 -31.01 11.17
C ARG A 256 -13.13 -29.91 10.30
N TYR A 257 -12.44 -28.95 10.92
CA TYR A 257 -12.08 -27.71 10.25
C TYR A 257 -10.62 -27.69 9.82
N THR A 258 -10.40 -27.33 8.56
CA THR A 258 -9.06 -27.25 8.03
C THR A 258 -8.86 -25.90 7.40
N CYS A 259 -7.69 -25.31 7.65
CA CYS A 259 -7.34 -24.03 7.05
C CYS A 259 -6.38 -24.31 5.89
N HIS A 260 -6.64 -23.69 4.74
CA HIS A 260 -5.86 -23.95 3.54
C HIS A 260 -5.15 -22.70 3.10
N VAL A 261 -3.85 -22.82 2.84
CA VAL A 261 -3.01 -21.67 2.58
C VAL A 261 -2.37 -21.80 1.22
N GLN A 262 -2.65 -20.84 0.35
CA GLN A 262 -2.06 -20.81 -0.99
C GLN A 262 -1.17 -19.59 -1.08
N HIS A 263 0.05 -19.79 -1.59
CA HIS A 263 1.04 -18.72 -1.73
C HIS A 263 2.10 -19.12 -2.73
N GLU A 264 2.62 -18.17 -3.50
CA GLU A 264 3.66 -18.44 -4.50
C GLU A 264 4.87 -19.17 -3.91
N GLY A 265 5.14 -18.96 -2.62
CA GLY A 265 6.29 -19.59 -2.00
C GLY A 265 6.07 -21.02 -1.54
N LEU A 266 4.87 -21.55 -1.81
CA LEU A 266 4.48 -22.89 -1.40
C LEU A 266 4.20 -23.77 -2.62
N PRO A 267 5.11 -24.70 -2.93
CA PRO A 267 4.95 -25.63 -4.07
C PRO A 267 3.56 -26.23 -4.11
N LYS A 268 3.07 -26.67 -2.96
CA LYS A 268 1.70 -27.15 -2.83
C LYS A 268 1.05 -26.43 -1.65
N PRO A 269 -0.27 -26.18 -1.75
CA PRO A 269 -0.95 -25.47 -0.67
C PRO A 269 -0.78 -26.19 0.65
N LEU A 270 -0.77 -25.46 1.76
CA LEU A 270 -0.69 -26.06 3.07
C LEU A 270 -2.08 -26.26 3.64
N THR A 271 -2.21 -27.29 4.46
CA THR A 271 -3.46 -27.59 5.18
C THR A 271 -3.13 -27.64 6.67
N LEU A 272 -3.86 -26.86 7.48
CA LEU A 272 -3.66 -26.85 8.93
C LEU A 272 -4.92 -27.31 9.64
N ARG A 273 -4.73 -28.06 10.72
CA ARG A 273 -5.82 -28.51 11.59
CA ARG A 273 -5.82 -28.51 11.58
C ARG A 273 -5.45 -28.17 13.02
N TRP A 274 -6.44 -28.00 13.88
CA TRP A 274 -6.14 -27.67 15.29
C TRP A 274 -5.42 -28.80 16.02
N GLU A 275 -4.41 -28.44 16.81
CA GLU A 275 -3.65 -29.40 17.64
C GLU A 275 -4.54 -30.21 18.58
N GLN B 1 -14.26 11.56 2.72
CA GLN B 1 -15.23 10.71 2.06
C GLN B 1 -15.18 9.27 2.58
N ARG B 2 -13.96 8.75 2.77
CA ARG B 2 -13.79 7.35 3.16
C ARG B 2 -13.06 7.21 4.49
N THR B 3 -13.67 6.50 5.43
CA THR B 3 -13.17 6.44 6.79
C THR B 3 -12.12 5.33 6.88
N PRO B 4 -11.11 5.51 7.73
CA PRO B 4 -10.01 4.53 7.79
C PRO B 4 -10.44 3.19 8.37
N LYS B 5 -9.96 2.11 7.76
CA LYS B 5 -9.93 0.82 8.42
C LYS B 5 -8.70 0.84 9.30
N ILE B 6 -8.77 0.14 10.44
CA ILE B 6 -7.68 0.15 11.41
C ILE B 6 -7.37 -1.26 11.89
N GLN B 7 -6.09 -1.63 11.84
CA GLN B 7 -5.62 -2.85 12.50
C GLN B 7 -4.46 -2.46 13.41
N VAL B 8 -4.48 -2.92 14.65
CA VAL B 8 -3.37 -2.70 15.58
C VAL B 8 -2.81 -4.07 15.96
N TYR B 9 -1.50 -4.24 15.86
CA TYR B 9 -0.93 -5.58 15.99
C TYR B 9 0.58 -5.51 16.14
N SER B 10 1.19 -6.63 16.53
CA SER B 10 2.64 -6.67 16.69
C SER B 10 3.29 -7.27 15.46
N ARG B 11 4.53 -6.84 15.22
CA ARG B 11 5.29 -7.36 14.10
C ARG B 11 5.57 -8.83 14.31
N HIS B 12 5.87 -9.20 15.56
CA HIS B 12 6.17 -10.59 15.88
C HIS B 12 5.20 -11.14 16.89
N PRO B 13 5.04 -12.49 16.94
CA PRO B 13 4.21 -13.09 17.97
C PRO B 13 4.62 -12.51 19.31
N ALA B 14 3.64 -12.12 20.11
CA ALA B 14 3.92 -11.40 21.34
C ALA B 14 4.28 -12.35 22.47
N GLU B 15 5.30 -11.97 23.23
CA GLU B 15 5.66 -12.69 24.44
C GLU B 15 5.93 -11.62 25.48
N ASN B 16 5.29 -11.75 26.64
CA ASN B 16 5.49 -10.74 27.66
C ASN B 16 6.96 -10.64 28.04
N GLY B 17 7.47 -9.42 28.09
CA GLY B 17 8.86 -9.20 28.46
C GLY B 17 9.82 -9.22 27.29
N LYS B 18 9.33 -9.51 26.10
CA LYS B 18 10.19 -9.56 24.92
C LYS B 18 9.91 -8.44 23.95
N SER B 19 10.92 -7.62 23.68
CA SER B 19 10.73 -6.45 22.85
C SER B 19 10.25 -6.85 21.47
N ASN B 20 9.57 -5.92 20.82
CA ASN B 20 8.79 -6.22 19.64
C ASN B 20 8.46 -4.88 18.99
N PHE B 21 7.55 -4.89 18.03
CA PHE B 21 7.17 -3.65 17.37
C PHE B 21 5.64 -3.59 17.31
N LEU B 22 5.10 -2.47 17.76
CA LEU B 22 3.68 -2.22 17.75
C LEU B 22 3.30 -1.48 16.47
N ASN B 23 2.41 -2.09 15.69
CA ASN B 23 1.95 -1.52 14.42
C ASN B 23 0.52 -1.00 14.49
N CYS B 24 0.28 0.15 13.87
CA CYS B 24 -1.09 0.55 13.55
C CYS B 24 -1.21 0.77 12.05
N TYR B 25 -1.99 -0.09 11.39
CA TYR B 25 -2.16 -0.01 9.95
C TYR B 25 -3.51 0.63 9.63
N VAL B 26 -3.46 1.78 8.98
CA VAL B 26 -4.69 2.49 8.60
C VAL B 26 -4.78 2.49 7.09
N SER B 27 -5.96 2.16 6.56
CA SER B 27 -6.11 2.00 5.13
C SER B 27 -7.54 2.30 4.69
N GLY B 28 -7.76 2.36 3.38
CA GLY B 28 -9.08 2.62 2.83
C GLY B 28 -9.63 4.02 3.08
N PHE B 29 -8.76 4.98 3.42
CA PHE B 29 -9.22 6.33 3.75
C PHE B 29 -8.96 7.40 2.69
N HIS B 30 -9.73 8.48 2.79
CA HIS B 30 -9.58 9.62 1.90
C HIS B 30 -10.38 10.76 2.49
N PRO B 31 -9.81 11.98 2.53
CA PRO B 31 -8.49 12.44 2.05
C PRO B 31 -7.34 11.90 2.88
N SER B 32 -6.12 12.24 2.50
CA SER B 32 -4.92 11.66 3.07
C SER B 32 -4.59 12.18 4.47
N ASP B 33 -5.06 13.38 4.80
CA ASP B 33 -4.78 13.92 6.12
C ASP B 33 -5.35 13.02 7.21
N ILE B 34 -4.49 12.59 8.14
CA ILE B 34 -4.90 11.67 9.18
C ILE B 34 -3.98 11.79 10.39
N GLU B 35 -4.54 11.60 11.58
CA GLU B 35 -3.76 11.62 12.80
C GLU B 35 -3.80 10.27 13.49
N VAL B 36 -2.63 9.70 13.74
CA VAL B 36 -2.53 8.37 14.31
C VAL B 36 -1.52 8.42 15.44
N ASP B 37 -1.96 8.04 16.64
CA ASP B 37 -1.08 7.94 17.78
C ASP B 37 -1.06 6.51 18.27
N LEU B 38 0.08 6.05 18.77
CA LEU B 38 0.13 4.80 19.51
C LEU B 38 0.12 5.14 21.00
N LEU B 39 -0.67 4.38 21.77
CA LEU B 39 -0.86 4.68 23.19
C LEU B 39 -0.33 3.57 24.07
N LYS B 40 0.27 3.96 25.19
CA LYS B 40 0.65 3.04 26.25
C LYS B 40 -0.07 3.49 27.50
N ASN B 41 -0.98 2.65 27.99
CA ASN B 41 -1.80 3.00 29.14
C ASN B 41 -2.47 4.36 28.98
N GLY B 42 -3.02 4.61 27.79
CA GLY B 42 -3.75 5.83 27.52
C GLY B 42 -2.91 7.03 27.10
N GLU B 43 -1.59 6.94 27.25
CA GLU B 43 -0.71 8.07 26.98
C GLU B 43 0.01 7.92 25.62
N ARG B 44 0.16 9.04 24.91
CA ARG B 44 0.83 9.05 23.62
C ARG B 44 2.29 8.58 23.73
N ILE B 45 2.68 7.65 22.85
CA ILE B 45 4.08 7.25 22.74
C ILE B 45 4.79 8.24 21.81
N GLU B 46 5.95 8.72 22.25
CA GLU B 46 6.63 9.81 21.56
C GLU B 46 7.34 9.43 20.27
N LYS B 47 8.05 8.31 20.27
CA LYS B 47 8.91 7.99 19.13
C LYS B 47 8.22 7.10 18.10
N VAL B 48 7.20 7.64 17.43
CA VAL B 48 6.44 6.86 16.47
C VAL B 48 6.76 7.29 15.04
N GLU B 49 7.05 6.31 14.19
CA GLU B 49 7.40 6.57 12.80
C GLU B 49 6.28 6.06 11.92
N HIS B 50 6.28 6.46 10.65
CA HIS B 50 5.28 5.95 9.73
C HIS B 50 5.86 5.79 8.33
N SER B 51 5.20 4.95 7.54
CA SER B 51 5.60 4.69 6.16
C SER B 51 5.32 5.90 5.28
N ASP B 52 5.84 5.86 4.05
CA ASP B 52 5.56 6.89 3.06
C ASP B 52 4.17 6.68 2.47
N LEU B 53 3.41 7.77 2.35
CA LEU B 53 2.02 7.70 1.85
C LEU B 53 1.92 7.02 0.50
N SER B 54 1.04 6.04 0.41
CA SER B 54 0.75 5.40 -0.85
C SER B 54 -0.75 5.08 -0.90
N PHE B 55 -1.18 4.45 -1.98
CA PHE B 55 -2.63 4.22 -2.17
C PHE B 55 -2.92 3.00 -3.02
N SER B 56 -4.15 2.51 -2.90
CA SER B 56 -4.61 1.31 -3.60
C SER B 56 -5.29 1.68 -4.91
N LYS B 57 -5.73 0.66 -5.65
CA LYS B 57 -6.30 0.89 -6.97
C LYS B 57 -7.56 1.75 -6.93
N ASP B 58 -8.29 1.71 -5.83
CA ASP B 58 -9.48 2.55 -5.67
C ASP B 58 -9.11 3.95 -5.14
N TRP B 59 -7.83 4.25 -5.13
CA TRP B 59 -7.33 5.58 -4.77
C TRP B 59 -7.30 5.85 -3.26
N SER B 60 -7.83 4.93 -2.47
CA SER B 60 -7.81 5.09 -1.03
C SER B 60 -6.39 4.90 -0.49
N PHE B 61 -6.08 5.65 0.57
CA PHE B 61 -4.74 5.73 1.11
C PHE B 61 -4.46 4.68 2.18
N TYR B 62 -3.17 4.39 2.37
CA TYR B 62 -2.75 3.55 3.49
C TYR B 62 -1.42 4.01 4.08
N LEU B 63 -1.27 3.79 5.39
CA LEU B 63 -0.05 4.15 6.13
C LEU B 63 0.16 3.16 7.25
N LEU B 64 1.42 2.80 7.51
CA LEU B 64 1.76 2.02 8.67
C LEU B 64 2.46 2.93 9.68
N TYR B 65 1.93 2.98 10.91
CA TYR B 65 2.60 3.66 12.01
C TYR B 65 3.17 2.59 12.93
N TYR B 66 4.36 2.84 13.49
CA TYR B 66 5.01 1.81 14.27
C TYR B 66 6.00 2.37 15.26
N THR B 67 6.22 1.60 16.33
CA THR B 67 7.20 1.93 17.34
C THR B 67 7.58 0.66 18.07
N GLU B 68 8.75 0.64 18.66
CA GLU B 68 9.16 -0.53 19.44
C GLU B 68 8.34 -0.56 20.73
N PHE B 69 8.05 -1.75 21.24
CA PHE B 69 7.38 -1.88 22.52
C PHE B 69 7.64 -3.25 23.12
N THR B 70 7.38 -3.37 24.42
CA THR B 70 7.48 -4.64 25.10
C THR B 70 6.13 -5.03 25.68
N PRO B 71 5.50 -6.06 25.12
CA PRO B 71 4.25 -6.54 25.71
C PRO B 71 4.48 -6.97 27.15
N THR B 72 3.52 -6.71 28.03
CA THR B 72 3.58 -7.20 29.41
C THR B 72 2.20 -7.59 29.87
N GLU B 73 2.12 -8.14 31.08
CA GLU B 73 0.84 -8.53 31.65
C GLU B 73 0.01 -7.31 32.03
N LYS B 74 0.68 -6.22 32.34
CA LYS B 74 0.00 -5.08 32.96
C LYS B 74 -0.25 -3.89 32.03
N ASP B 75 0.55 -3.76 30.99
CA ASP B 75 0.45 -2.59 30.12
C ASP B 75 -0.59 -2.78 29.03
N GLU B 76 -1.39 -1.75 28.80
CA GLU B 76 -2.37 -1.72 27.72
C GLU B 76 -1.87 -0.85 26.57
N TYR B 77 -1.91 -1.40 25.36
CA TYR B 77 -1.48 -0.64 24.19
C TYR B 77 -2.66 -0.43 23.26
N ALA B 78 -2.64 0.66 22.50
CA ALA B 78 -3.76 1.01 21.65
C ALA B 78 -3.33 1.92 20.50
N CYS B 79 -4.23 2.05 19.53
CA CYS B 79 -4.05 3.01 18.45
C CYS B 79 -5.19 4.02 18.52
N ARG B 80 -4.85 5.31 18.40
CA ARG B 80 -5.85 6.36 18.39
C ARG B 80 -5.83 7.10 17.04
N VAL B 81 -6.95 7.07 16.36
CA VAL B 81 -7.03 7.62 15.00
C VAL B 81 -8.07 8.71 14.90
N ASN B 82 -7.68 9.84 14.31
CA ASN B 82 -8.64 10.87 13.97
C ASN B 82 -8.54 11.21 12.50
N HIS B 83 -9.69 11.57 11.93
CA HIS B 83 -9.80 11.77 10.48
C HIS B 83 -11.09 12.55 10.28
N VAL B 84 -11.16 13.35 9.21
CA VAL B 84 -12.35 14.18 8.97
C VAL B 84 -13.64 13.37 9.02
N THR B 85 -13.58 12.07 8.71
CA THR B 85 -14.77 11.23 8.69
C THR B 85 -15.23 10.80 10.07
N LEU B 86 -14.45 11.11 11.10
CA LEU B 86 -14.76 10.69 12.47
C LEU B 86 -15.16 11.86 13.36
N SER B 87 -16.34 11.77 13.96
CA SER B 87 -16.82 12.83 14.84
C SER B 87 -15.95 12.92 16.09
N GLN B 88 -15.23 11.85 16.38
CA GLN B 88 -14.32 11.80 17.51
C GLN B 88 -13.29 10.72 17.26
N PRO B 89 -12.12 10.83 17.91
CA PRO B 89 -11.05 9.86 17.70
C PRO B 89 -11.51 8.44 17.99
N LYS B 90 -11.10 7.52 17.13
CA LYS B 90 -11.42 6.11 17.32
C LYS B 90 -10.24 5.44 17.99
N ILE B 91 -10.49 4.77 19.10
CA ILE B 91 -9.43 4.06 19.79
C ILE B 91 -9.59 2.56 19.65
N VAL B 92 -8.56 1.90 19.13
CA VAL B 92 -8.57 0.46 18.97
C VAL B 92 -7.47 -0.14 19.84
N LYS B 93 -7.86 -1.00 20.78
CA LYS B 93 -6.93 -1.63 21.71
C LYS B 93 -6.16 -2.74 21.02
N TRP B 94 -4.88 -2.86 21.34
CA TRP B 94 -4.10 -3.99 20.87
C TRP B 94 -4.54 -5.25 21.63
N ASP B 95 -4.77 -6.32 20.88
CA ASP B 95 -5.06 -7.63 21.44
C ASP B 95 -4.07 -8.57 20.79
N ARG B 96 -3.25 -9.24 21.61
CA ARG B 96 -2.20 -10.10 21.06
C ARG B 96 -2.74 -11.30 20.27
N ASP B 97 -4.03 -11.57 20.40
CA ASP B 97 -4.65 -12.68 19.68
C ASP B 97 -5.10 -12.30 18.27
N MET B 98 -4.92 -11.04 17.89
CA MET B 98 -5.37 -10.56 16.59
C MET B 98 -4.31 -9.71 15.87
N ARG C 1 13.17 3.59 -12.83
CA ARG C 1 13.25 4.94 -13.37
C ARG C 1 11.87 5.53 -13.61
N VAL C 2 11.63 6.74 -13.11
CA VAL C 2 10.34 7.38 -13.32
C VAL C 2 10.22 7.86 -14.76
N ALA C 3 8.99 8.10 -15.19
CA ALA C 3 8.75 8.67 -16.50
C ALA C 3 8.96 10.17 -16.43
N SER C 4 9.13 10.83 -17.56
CA SER C 4 9.05 12.29 -17.57
C SER C 4 7.58 12.69 -17.40
N PRO C 5 7.34 13.87 -16.80
CA PRO C 5 5.96 14.30 -16.53
C PRO C 5 5.17 14.45 -17.83
N THR C 6 3.86 14.25 -17.79
CA THR C 6 3.04 14.45 -18.96
C THR C 6 2.60 15.90 -19.02
N SER C 7 1.98 16.27 -20.13
CA SER C 7 1.32 17.56 -20.24
CA SER C 7 1.32 17.57 -20.24
C SER C 7 0.40 17.76 -19.03
N GLY C 8 0.12 19.01 -18.70
CA GLY C 8 -0.82 19.31 -17.64
C GLY C 8 -2.23 18.91 -18.04
N VAL C 9 -3.12 18.77 -17.06
CA VAL C 9 -4.50 18.39 -17.35
C VAL C 9 -5.26 19.57 -17.95
#